data_5HQX
#
_entry.id   5HQX
#
_cell.length_a   74.400
_cell.length_b   74.400
_cell.length_c   207.840
_cell.angle_alpha   90.00
_cell.angle_beta   90.00
_cell.angle_gamma   90.00
#
_symmetry.space_group_name_H-M   'P 43 21 2'
#
loop_
_entity.id
_entity.type
_entity.pdbx_description
1 polymer 'Cytokinin dehydrogenase 4'
2 non-polymer 'FLAVIN-ADENINE DINUCLEOTIDE'
3 non-polymer 1-[2-(2-hydroxyethyl)phenyl]-3-(1,2,3-thiadiazol-5-yl)urea
4 water water
#
_entity_poly.entity_id   1
_entity_poly.type   'polypeptide(L)'
_entity_poly.pdbx_seq_one_letter_code
;AGHMLPVEPPAELLQLGGGDVGGGRLSVDASDIAEASRDFGGVARAEPMAVFHPRAAGDVAGLVGAAFRSARGFRVSARG
HGHSISGQAQAAGGVVVDMSRGRGPGAAVARALPVHSAALGGHYVDVWGGELWVDVLNWTLSHGGLAPRSWTDYLYLSVG
GTLSNAGISGQAFHHGPQISNVYELDVVTGKGEVVTCSETENPDLFFGVLGGLGQFGIITRARIALERAPKRVRWIRALY
SNFSEFTADQERLISLGSGGGRRFDYVEGFVVAAEGLINNWRSSFFSPQNPVKLTSLKHHSSVLYCLEVTKNYDDETAGS
VDQDVDTLLGELNFLPGTVFTTDLPYVDFLDRVHKAELKLRAKGMWEVPHPWLNLFVPASRIADFDRGVFRGVLGGRTAG
AGGPVLIYPMNKHKWDPRSSAVTPDEEVFYLVAFLRSALPGAPESLEALARQNQRILDFCAGTGIGAKQYLPGHKARHEW
AEHFGAARWDRFARLKAEFDPRAILAAGQGIFRPPGSPALAADS
;
_entity_poly.pdbx_strand_id   A
#
# COMPACT_ATOMS: atom_id res chain seq x y z
N VAL A 21 -22.22 0.16 20.75
CA VAL A 21 -21.79 -1.21 20.50
C VAL A 21 -22.77 -1.97 19.58
N GLY A 22 -24.07 -1.70 19.74
CA GLY A 22 -25.17 -2.26 18.95
C GLY A 22 -25.15 -3.76 18.73
N GLY A 23 -25.01 -4.16 17.46
CA GLY A 23 -24.96 -5.56 17.05
C GLY A 23 -23.60 -6.22 17.23
N GLY A 24 -22.56 -5.39 17.32
CA GLY A 24 -21.18 -5.84 17.48
C GLY A 24 -20.87 -6.44 18.84
N ARG A 25 -19.78 -7.22 18.92
CA ARG A 25 -19.41 -7.83 20.20
C ARG A 25 -17.99 -7.58 20.62
N LEU A 26 -17.80 -7.43 21.94
CA LEU A 26 -16.49 -7.27 22.55
C LEU A 26 -15.98 -8.66 22.86
N SER A 27 -14.74 -8.94 22.49
CA SER A 27 -14.16 -10.25 22.73
C SER A 27 -12.86 -10.15 23.50
N VAL A 28 -12.73 -10.99 24.54
CA VAL A 28 -11.51 -11.08 25.33
C VAL A 28 -10.94 -12.51 25.14
N ASP A 29 -11.38 -13.18 24.04
CA ASP A 29 -10.90 -14.50 23.65
C ASP A 29 -9.40 -14.39 23.42
N ALA A 30 -8.62 -15.27 24.06
CA ALA A 30 -7.16 -15.32 24.04
C ALA A 30 -6.56 -15.25 22.63
N SER A 31 -7.09 -16.03 21.67
CA SER A 31 -6.62 -16.03 20.28
C SER A 31 -6.89 -14.71 19.58
N ASP A 32 -8.04 -14.07 19.91
CA ASP A 32 -8.42 -12.78 19.33
C ASP A 32 -7.41 -11.72 19.76
N ILE A 33 -7.10 -11.67 21.08
CA ILE A 33 -6.14 -10.75 21.70
C ILE A 33 -4.75 -10.96 21.10
N ALA A 34 -4.29 -12.22 21.05
CA ALA A 34 -2.99 -12.60 20.50
C ALA A 34 -2.83 -12.12 19.07
N GLU A 35 -3.84 -12.36 18.19
CA GLU A 35 -3.76 -11.88 16.79
C GLU A 35 -3.76 -10.35 16.70
N ALA A 36 -4.56 -9.68 17.55
CA ALA A 36 -4.65 -8.21 17.55
C ALA A 36 -3.40 -7.57 18.14
N SER A 37 -2.57 -8.39 18.81
CA SER A 37 -1.29 -7.96 19.42
C SER A 37 -0.11 -8.12 18.47
N ARG A 38 -0.33 -8.67 17.27
CA ARG A 38 0.75 -8.90 16.31
C ARG A 38 0.45 -8.44 14.90
N ASP A 39 1.52 -8.22 14.12
CA ASP A 39 1.38 -7.84 12.73
C ASP A 39 2.43 -8.53 11.89
N PHE A 40 2.42 -8.30 10.56
CA PHE A 40 3.36 -8.92 9.63
C PHE A 40 4.85 -8.62 9.95
N GLY A 41 5.12 -7.44 10.51
CA GLY A 41 6.48 -7.05 10.92
C GLY A 41 7.10 -8.01 11.89
N GLY A 42 6.25 -8.67 12.71
CA GLY A 42 6.65 -9.68 13.69
C GLY A 42 7.48 -9.19 14.87
N VAL A 43 7.45 -7.88 15.18
CA VAL A 43 8.23 -7.29 16.28
C VAL A 43 7.30 -6.60 17.30
N ALA A 44 6.55 -5.56 16.85
CA ALA A 44 5.64 -4.82 17.74
C ALA A 44 4.58 -5.75 18.33
N ARG A 45 4.41 -5.70 19.66
CA ARG A 45 3.50 -6.54 20.43
C ARG A 45 2.80 -5.79 21.58
N ALA A 46 1.92 -4.85 21.24
CA ALA A 46 1.14 -4.08 22.20
C ALA A 46 -0.24 -4.74 22.27
N GLU A 47 -0.61 -5.24 23.44
CA GLU A 47 -1.88 -5.95 23.65
C GLU A 47 -3.05 -5.03 23.92
N PRO A 48 -4.19 -5.24 23.23
CA PRO A 48 -5.39 -4.45 23.56
C PRO A 48 -6.12 -5.08 24.77
N MET A 49 -7.09 -4.34 25.33
CA MET A 49 -7.96 -4.82 26.39
C MET A 49 -8.96 -5.81 25.78
N ALA A 50 -9.45 -5.50 24.55
CA ALA A 50 -10.45 -6.32 23.89
C ALA A 50 -10.40 -6.18 22.38
N VAL A 51 -11.07 -7.11 21.66
CA VAL A 51 -11.21 -7.06 20.20
C VAL A 51 -12.69 -6.87 19.91
N PHE A 52 -13.03 -5.85 19.11
CA PHE A 52 -14.43 -5.59 18.77
C PHE A 52 -14.70 -6.19 17.38
N HIS A 53 -15.83 -6.92 17.28
CA HIS A 53 -16.28 -7.56 16.05
C HIS A 53 -17.57 -6.85 15.63
N PRO A 54 -17.48 -5.80 14.80
CA PRO A 54 -18.70 -5.06 14.40
C PRO A 54 -19.57 -5.80 13.39
N ARG A 55 -20.87 -5.54 13.40
CA ARG A 55 -21.77 -6.14 12.42
C ARG A 55 -21.95 -5.13 11.30
N ALA A 56 -21.89 -3.83 11.65
CA ALA A 56 -22.09 -2.71 10.72
C ALA A 56 -21.37 -1.46 11.20
N ALA A 57 -21.36 -0.41 10.36
CA ALA A 57 -20.73 0.89 10.60
C ALA A 57 -21.18 1.53 11.94
N GLY A 58 -22.48 1.40 12.27
CA GLY A 58 -23.07 1.93 13.50
C GLY A 58 -22.43 1.39 14.76
N ASP A 59 -22.07 0.09 14.75
CA ASP A 59 -21.36 -0.58 15.87
C ASP A 59 -19.99 0.06 16.10
N VAL A 60 -19.28 0.35 15.00
CA VAL A 60 -17.95 1.01 15.02
C VAL A 60 -18.09 2.42 15.62
N ALA A 61 -19.10 3.19 15.16
CA ALA A 61 -19.45 4.52 15.68
C ALA A 61 -19.76 4.49 17.20
N GLY A 62 -20.50 3.46 17.63
CA GLY A 62 -20.89 3.29 19.01
C GLY A 62 -19.67 3.08 19.88
N LEU A 63 -18.74 2.23 19.41
CA LEU A 63 -17.51 1.94 20.13
C LEU A 63 -16.58 3.16 20.21
N VAL A 64 -16.34 3.83 19.08
CA VAL A 64 -15.49 5.03 19.02
C VAL A 64 -16.14 6.17 19.84
N GLY A 65 -17.45 6.36 19.68
CA GLY A 65 -18.26 7.34 20.44
C GLY A 65 -18.12 7.13 21.94
N ALA A 66 -18.15 5.85 22.39
CA ALA A 66 -17.97 5.48 23.80
C ALA A 66 -16.53 5.84 24.27
N ALA A 67 -15.51 5.70 23.39
CA ALA A 67 -14.11 6.04 23.75
C ALA A 67 -13.92 7.55 23.87
N PHE A 68 -14.57 8.31 22.97
CA PHE A 68 -14.50 9.77 22.94
C PHE A 68 -15.20 10.41 24.15
N ARG A 69 -16.33 9.82 24.60
CA ARG A 69 -17.11 10.33 25.74
CA ARG A 69 -17.08 10.36 25.73
C ARG A 69 -16.54 9.91 27.09
N SER A 70 -15.83 8.75 27.15
CA SER A 70 -15.26 8.23 28.40
C SER A 70 -14.32 9.26 29.06
N ALA A 71 -14.21 9.23 30.41
CA ALA A 71 -13.40 10.21 31.15
C ALA A 71 -11.92 10.22 30.77
N ARG A 72 -11.29 9.04 30.81
CA ARG A 72 -9.88 8.79 30.53
C ARG A 72 -9.56 8.69 29.06
N GLY A 73 -10.55 8.24 28.29
CA GLY A 73 -10.39 7.93 26.88
C GLY A 73 -9.70 6.57 26.82
N PHE A 74 -9.80 5.90 25.68
CA PHE A 74 -9.11 4.64 25.42
C PHE A 74 -8.82 4.53 23.93
N ARG A 75 -7.71 3.88 23.58
CA ARG A 75 -7.24 3.72 22.20
C ARG A 75 -8.11 2.79 21.41
N VAL A 76 -8.42 3.19 20.18
CA VAL A 76 -9.22 2.37 19.27
C VAL A 76 -8.49 2.34 17.96
N SER A 77 -8.23 1.13 17.44
CA SER A 77 -7.58 1.00 16.13
C SER A 77 -8.28 -0.03 15.30
N ALA A 78 -8.47 0.25 14.00
CA ALA A 78 -9.03 -0.69 13.06
C ALA A 78 -7.88 -1.59 12.66
N ARG A 79 -8.15 -2.87 12.49
CA ARG A 79 -7.16 -3.80 11.98
C ARG A 79 -7.78 -4.34 10.71
N GLY A 80 -6.98 -4.39 9.64
CA GLY A 80 -7.39 -4.96 8.36
C GLY A 80 -6.92 -6.39 8.34
N HIS A 81 -5.85 -6.66 7.65
CA HIS A 81 -5.27 -8.00 7.63
C HIS A 81 -3.97 -8.07 8.47
N GLY A 82 -3.67 -7.00 9.21
CA GLY A 82 -2.50 -6.93 10.09
C GLY A 82 -1.18 -6.95 9.34
N HIS A 83 -1.14 -6.36 8.13
CA HIS A 83 0.05 -6.33 7.29
C HIS A 83 1.07 -5.24 7.60
N SER A 84 0.74 -4.39 8.58
CA SER A 84 1.62 -3.34 9.12
C SER A 84 2.94 -3.94 9.60
N ILE A 85 3.99 -3.14 9.54
CA ILE A 85 5.36 -3.57 9.91
C ILE A 85 5.70 -3.21 11.34
N SER A 86 5.13 -2.10 11.85
CA SER A 86 5.56 -1.62 13.15
C SER A 86 4.48 -1.22 14.18
N GLY A 87 3.46 -2.05 14.30
CA GLY A 87 2.39 -1.86 15.28
C GLY A 87 1.41 -0.75 14.98
N GLN A 88 1.27 -0.36 13.70
CA GLN A 88 0.32 0.70 13.29
C GLN A 88 -1.14 0.38 13.58
N ALA A 89 -1.52 -0.92 13.56
CA ALA A 89 -2.92 -1.37 13.77
C ALA A 89 -3.14 -1.84 15.22
N GLN A 90 -2.15 -1.62 16.09
CA GLN A 90 -2.19 -2.06 17.48
C GLN A 90 -2.69 -0.97 18.42
N ALA A 91 -3.46 -1.35 19.45
CA ALA A 91 -4.02 -0.40 20.41
C ALA A 91 -3.75 -0.87 21.84
N ALA A 92 -2.60 -0.45 22.41
CA ALA A 92 -2.15 -0.79 23.77
C ALA A 92 -3.20 -0.40 24.81
N GLY A 93 -3.71 -1.39 25.54
CA GLY A 93 -4.75 -1.22 26.55
C GLY A 93 -6.07 -0.67 26.04
N GLY A 94 -6.27 -0.73 24.72
CA GLY A 94 -7.49 -0.22 24.11
C GLY A 94 -8.31 -1.30 23.45
N VAL A 95 -8.99 -0.94 22.35
CA VAL A 95 -9.81 -1.87 21.61
C VAL A 95 -9.36 -1.91 20.14
N VAL A 96 -9.08 -3.11 19.63
CA VAL A 96 -8.76 -3.31 18.23
C VAL A 96 -10.08 -3.73 17.55
N VAL A 97 -10.49 -2.98 16.50
CA VAL A 97 -11.68 -3.29 15.70
C VAL A 97 -11.25 -4.23 14.59
N ASP A 98 -11.71 -5.47 14.66
CA ASP A 98 -11.38 -6.44 13.62
C ASP A 98 -12.36 -6.16 12.46
N MET A 99 -11.87 -5.46 11.45
CA MET A 99 -12.67 -5.02 10.31
C MET A 99 -12.81 -6.08 9.24
N SER A 100 -11.78 -6.94 9.11
CA SER A 100 -11.68 -7.93 8.03
C SER A 100 -12.33 -9.26 8.26
N ARG A 101 -12.62 -9.58 9.51
CA ARG A 101 -13.31 -10.81 9.91
C ARG A 101 -14.68 -10.77 9.21
N GLY A 102 -15.11 -11.93 8.70
CA GLY A 102 -16.41 -12.09 8.05
C GLY A 102 -17.51 -11.74 9.03
N ARG A 103 -18.55 -11.05 8.55
CA ARG A 103 -19.64 -10.58 9.41
C ARG A 103 -20.94 -11.31 9.15
N ALA A 110 -25.93 -9.15 1.61
CA ALA A 110 -25.88 -7.73 1.98
C ALA A 110 -24.90 -6.88 1.16
N ARG A 111 -23.92 -7.53 0.48
CA ARG A 111 -22.90 -6.86 -0.34
C ARG A 111 -23.54 -6.16 -1.52
N ALA A 112 -23.17 -4.90 -1.75
CA ALA A 112 -23.71 -4.10 -2.84
C ALA A 112 -23.14 -4.61 -4.16
N LEU A 113 -23.99 -4.67 -5.18
CA LEU A 113 -23.60 -5.04 -6.53
C LEU A 113 -22.93 -3.81 -7.17
N PRO A 114 -22.09 -3.99 -8.22
CA PRO A 114 -21.58 -2.83 -8.97
C PRO A 114 -22.73 -2.04 -9.59
N VAL A 115 -22.52 -0.73 -9.75
CA VAL A 115 -23.53 0.18 -10.25
C VAL A 115 -22.92 1.03 -11.37
N HIS A 116 -23.64 1.22 -12.46
CA HIS A 116 -23.17 2.04 -13.56
C HIS A 116 -23.66 3.49 -13.39
N SER A 117 -22.78 4.47 -13.63
CA SER A 117 -23.16 5.88 -13.61
C SER A 117 -22.88 6.49 -14.98
N ALA A 118 -23.87 7.13 -15.59
CA ALA A 118 -23.68 7.85 -16.86
C ALA A 118 -22.87 9.14 -16.62
N ALA A 119 -22.89 9.69 -15.38
CA ALA A 119 -22.12 10.89 -15.05
C ALA A 119 -20.63 10.55 -14.90
N LEU A 120 -20.31 9.42 -14.23
CA LEU A 120 -18.91 8.97 -14.04
C LEU A 120 -18.36 8.29 -15.28
N GLY A 121 -19.26 7.84 -16.17
CA GLY A 121 -18.90 7.14 -17.39
C GLY A 121 -18.36 5.75 -17.14
N GLY A 122 -18.88 5.09 -16.11
CA GLY A 122 -18.44 3.75 -15.72
C GLY A 122 -19.13 3.23 -14.48
N HIS A 123 -18.64 2.08 -14.01
CA HIS A 123 -19.13 1.38 -12.84
C HIS A 123 -18.33 1.70 -11.58
N TYR A 124 -18.99 1.62 -10.43
CA TYR A 124 -18.37 1.73 -9.11
C TYR A 124 -18.95 0.61 -8.27
N VAL A 125 -18.35 0.34 -7.13
CA VAL A 125 -18.93 -0.64 -6.21
C VAL A 125 -18.67 -0.15 -4.77
N ASP A 126 -19.67 -0.32 -3.89
CA ASP A 126 -19.55 0.01 -2.48
C ASP A 126 -19.03 -1.21 -1.77
N VAL A 127 -17.95 -1.06 -1.00
CA VAL A 127 -17.39 -2.18 -0.26
C VAL A 127 -17.24 -1.82 1.21
N TRP A 128 -17.38 -2.83 2.09
CA TRP A 128 -17.10 -2.67 3.52
C TRP A 128 -15.59 -2.31 3.62
N GLY A 129 -15.24 -1.44 4.56
CA GLY A 129 -13.88 -0.95 4.75
C GLY A 129 -12.87 -2.04 5.08
N GLY A 130 -13.32 -3.13 5.70
CA GLY A 130 -12.46 -4.25 6.06
C GLY A 130 -12.34 -5.32 5.00
N GLU A 131 -13.03 -5.16 3.85
CA GLU A 131 -12.98 -6.14 2.76
C GLU A 131 -11.56 -6.27 2.21
N LEU A 132 -11.12 -7.49 1.97
CA LEU A 132 -9.83 -7.74 1.35
C LEU A 132 -9.98 -7.49 -0.14
N TRP A 133 -8.93 -6.94 -0.79
CA TRP A 133 -8.96 -6.70 -2.25
C TRP A 133 -9.27 -7.95 -3.07
N VAL A 134 -8.77 -9.11 -2.62
CA VAL A 134 -9.05 -10.41 -3.27
C VAL A 134 -10.56 -10.67 -3.33
N ASP A 135 -11.30 -10.38 -2.24
CA ASP A 135 -12.75 -10.62 -2.19
C ASP A 135 -13.49 -9.59 -3.02
N VAL A 136 -12.99 -8.33 -3.06
CA VAL A 136 -13.56 -7.27 -3.91
C VAL A 136 -13.47 -7.77 -5.38
N LEU A 137 -12.28 -8.22 -5.79
CA LEU A 137 -12.01 -8.71 -7.14
C LEU A 137 -12.97 -9.86 -7.51
N ASN A 138 -13.07 -10.89 -6.66
CA ASN A 138 -13.94 -12.03 -6.92
C ASN A 138 -15.39 -11.61 -7.06
N TRP A 139 -15.82 -10.66 -6.22
CA TRP A 139 -17.19 -10.11 -6.25
C TRP A 139 -17.46 -9.33 -7.55
N THR A 140 -16.58 -8.38 -7.92
CA THR A 140 -16.81 -7.57 -9.13
C THR A 140 -16.75 -8.40 -10.41
N LEU A 141 -15.81 -9.37 -10.51
CA LEU A 141 -15.71 -10.24 -11.70
C LEU A 141 -16.97 -11.07 -11.88
N SER A 142 -17.54 -11.54 -10.77
CA SER A 142 -18.74 -12.36 -10.78
C SER A 142 -20.00 -11.55 -11.10
N HIS A 143 -19.91 -10.20 -10.99
CA HIS A 143 -21.05 -9.33 -11.29
C HIS A 143 -20.75 -8.34 -12.40
N GLY A 144 -20.55 -8.87 -13.60
CA GLY A 144 -20.30 -8.07 -14.79
C GLY A 144 -18.92 -8.13 -15.40
N GLY A 145 -18.03 -8.97 -14.87
CA GLY A 145 -16.66 -9.07 -15.36
C GLY A 145 -15.89 -7.76 -15.13
N LEU A 146 -16.17 -7.14 -13.98
CA LEU A 146 -15.59 -5.86 -13.58
C LEU A 146 -14.47 -6.05 -12.58
N ALA A 147 -13.59 -5.05 -12.49
CA ALA A 147 -12.50 -5.11 -11.54
C ALA A 147 -11.94 -3.72 -11.24
N PRO A 148 -11.40 -3.52 -10.02
CA PRO A 148 -10.67 -2.27 -9.73
C PRO A 148 -9.56 -2.03 -10.76
N ARG A 149 -9.20 -0.76 -10.96
CA ARG A 149 -8.21 -0.35 -11.97
C ARG A 149 -6.82 -0.29 -11.39
N SER A 150 -6.73 -0.05 -10.08
CA SER A 150 -5.45 0.13 -9.39
C SER A 150 -5.32 -0.90 -8.30
N TRP A 151 -4.14 -1.52 -8.25
CA TRP A 151 -3.88 -2.64 -7.39
C TRP A 151 -2.72 -2.46 -6.43
N THR A 152 -2.55 -3.48 -5.59
CA THR A 152 -1.35 -3.68 -4.79
C THR A 152 -0.78 -4.98 -5.41
N ASP A 153 0.50 -5.33 -5.19
CA ASP A 153 1.06 -6.59 -5.71
C ASP A 153 0.45 -7.78 -4.96
N TYR A 154 -0.03 -7.55 -3.70
CA TYR A 154 -0.57 -8.60 -2.83
C TYR A 154 -2.02 -8.25 -2.51
N LEU A 155 -2.96 -9.18 -2.73
CA LEU A 155 -4.41 -8.92 -2.59
C LEU A 155 -5.03 -9.18 -1.23
N TYR A 156 -4.31 -9.86 -0.33
CA TYR A 156 -4.85 -10.14 1.02
C TYR A 156 -4.52 -8.96 1.96
N LEU A 157 -4.97 -7.77 1.54
CA LEU A 157 -4.84 -6.48 2.25
C LEU A 157 -6.24 -5.88 2.28
N SER A 158 -6.60 -5.14 3.35
CA SER A 158 -7.94 -4.57 3.42
C SER A 158 -8.03 -3.31 2.62
N VAL A 159 -9.24 -2.97 2.18
CA VAL A 159 -9.50 -1.74 1.45
C VAL A 159 -9.16 -0.51 2.33
N GLY A 160 -9.67 -0.48 3.57
CA GLY A 160 -9.40 0.62 4.49
C GLY A 160 -7.91 0.76 4.81
N GLY A 161 -7.20 -0.36 4.89
CA GLY A 161 -5.76 -0.37 5.18
C GLY A 161 -4.93 0.26 4.07
N THR A 162 -5.16 -0.16 2.82
CA THR A 162 -4.38 0.39 1.70
C THR A 162 -4.78 1.83 1.41
N LEU A 163 -6.08 2.16 1.59
CA LEU A 163 -6.54 3.54 1.38
C LEU A 163 -6.01 4.50 2.42
N SER A 164 -5.65 3.95 3.61
CA SER A 164 -5.06 4.77 4.65
C SER A 164 -3.56 5.05 4.33
N ASN A 165 -3.02 4.40 3.28
CA ASN A 165 -1.60 4.52 2.89
C ASN A 165 -1.52 5.09 1.46
N ALA A 166 -1.76 4.26 0.46
CA ALA A 166 -1.89 4.71 -0.94
C ALA A 166 -2.39 3.56 -1.78
N GLY A 167 -1.74 2.39 -1.64
CA GLY A 167 -2.08 1.21 -2.43
C GLY A 167 -1.41 1.30 -3.79
N ILE A 168 -0.21 0.77 -3.91
CA ILE A 168 0.59 0.88 -5.12
C ILE A 168 0.99 -0.46 -5.68
N SER A 169 1.16 -0.47 -6.99
CA SER A 169 1.64 -1.60 -7.79
C SER A 169 2.07 -0.98 -9.14
N GLY A 170 2.42 -1.86 -10.09
CA GLY A 170 2.87 -1.48 -11.42
C GLY A 170 1.84 -0.78 -12.30
N GLN A 171 0.57 -0.69 -11.87
CA GLN A 171 -0.45 0.03 -12.66
C GLN A 171 -0.51 1.50 -12.24
N ALA A 172 0.02 1.86 -11.05
CA ALA A 172 -0.11 3.24 -10.50
C ALA A 172 0.42 4.35 -11.39
N PHE A 173 1.44 4.07 -12.25
CA PHE A 173 1.98 5.13 -13.15
C PHE A 173 0.89 5.66 -14.09
N HIS A 174 -0.12 4.82 -14.40
CA HIS A 174 -1.20 5.16 -15.33
C HIS A 174 -2.52 5.52 -14.65
N HIS A 175 -2.97 4.71 -13.68
CA HIS A 175 -4.28 4.95 -13.05
C HIS A 175 -4.14 5.64 -11.71
N GLY A 176 -2.90 5.85 -11.28
CA GLY A 176 -2.58 6.37 -9.96
C GLY A 176 -2.74 5.29 -8.90
N PRO A 177 -2.38 5.58 -7.66
CA PRO A 177 -2.53 4.56 -6.60
C PRO A 177 -4.02 4.37 -6.25
N GLN A 178 -4.32 3.39 -5.43
CA GLN A 178 -5.74 3.12 -5.07
C GLN A 178 -6.47 4.35 -4.51
N ILE A 179 -5.73 5.23 -3.78
CA ILE A 179 -6.34 6.46 -3.24
C ILE A 179 -6.77 7.41 -4.35
N SER A 180 -6.32 7.20 -5.61
CA SER A 180 -6.82 8.08 -6.70
C SER A 180 -8.02 7.43 -7.44
N ASN A 181 -8.46 6.27 -6.96
CA ASN A 181 -9.51 5.50 -7.60
C ASN A 181 -10.68 5.23 -6.66
N VAL A 182 -11.01 6.23 -5.86
CA VAL A 182 -12.12 6.14 -4.92
C VAL A 182 -13.02 7.36 -5.04
N TYR A 183 -14.33 7.09 -5.20
CA TYR A 183 -15.29 8.19 -5.36
C TYR A 183 -15.84 8.72 -4.08
N GLU A 184 -15.93 7.87 -3.06
CA GLU A 184 -16.63 8.25 -1.84
C GLU A 184 -16.26 7.30 -0.73
N LEU A 185 -16.44 7.78 0.52
CA LEU A 185 -16.21 7.00 1.73
C LEU A 185 -17.28 7.29 2.75
N ASP A 186 -17.52 6.32 3.65
CA ASP A 186 -18.24 6.57 4.91
C ASP A 186 -17.11 6.44 5.91
N VAL A 187 -16.97 7.39 6.83
CA VAL A 187 -15.91 7.41 7.83
C VAL A 187 -16.51 7.63 9.24
N VAL A 188 -16.09 6.80 10.20
CA VAL A 188 -16.47 6.96 11.60
C VAL A 188 -15.30 7.79 12.16
N THR A 189 -15.55 9.07 12.51
CA THR A 189 -14.49 9.96 13.04
C THR A 189 -14.10 9.55 14.47
N GLY A 190 -13.09 10.21 15.04
CA GLY A 190 -12.61 10.01 16.41
C GLY A 190 -13.60 10.51 17.46
N LYS A 191 -14.74 11.05 17.01
CA LYS A 191 -15.82 11.50 17.89
C LYS A 191 -16.99 10.51 17.80
N GLY A 192 -16.85 9.47 16.97
CA GLY A 192 -17.85 8.43 16.79
C GLY A 192 -18.98 8.82 15.86
N GLU A 193 -18.73 9.80 14.98
CA GLU A 193 -19.74 10.30 14.02
C GLU A 193 -19.53 9.63 12.66
N VAL A 194 -20.60 9.10 12.06
CA VAL A 194 -20.54 8.47 10.72
C VAL A 194 -20.69 9.60 9.71
N VAL A 195 -19.68 9.79 8.87
CA VAL A 195 -19.65 10.87 7.88
C VAL A 195 -19.43 10.32 6.48
N THR A 196 -20.31 10.71 5.54
CA THR A 196 -20.13 10.37 4.13
C THR A 196 -19.35 11.50 3.50
N CYS A 197 -18.26 11.15 2.83
CA CYS A 197 -17.41 12.16 2.22
C CYS A 197 -16.90 11.74 0.85
N SER A 198 -16.56 12.74 0.03
CA SER A 198 -16.08 12.58 -1.34
C SER A 198 -15.41 13.91 -1.70
N GLU A 199 -14.95 14.08 -2.95
CA GLU A 199 -14.38 15.36 -3.40
C GLU A 199 -15.37 16.54 -3.27
N THR A 200 -16.69 16.26 -3.36
CA THR A 200 -17.70 17.30 -3.31
C THR A 200 -18.53 17.32 -2.03
N GLU A 201 -18.23 16.44 -1.06
CA GLU A 201 -19.02 16.36 0.16
C GLU A 201 -18.04 16.12 1.30
N ASN A 202 -17.94 17.04 2.27
CA ASN A 202 -16.99 16.97 3.37
C ASN A 202 -15.58 16.63 2.78
N PRO A 203 -15.09 17.42 1.78
CA PRO A 203 -13.80 17.08 1.13
C PRO A 203 -12.62 17.03 2.06
N ASP A 204 -12.63 17.82 3.15
CA ASP A 204 -11.50 17.83 4.11
C ASP A 204 -11.32 16.50 4.77
N LEU A 205 -12.43 15.83 5.14
CA LEU A 205 -12.35 14.50 5.74
C LEU A 205 -11.90 13.48 4.70
N PHE A 206 -12.54 13.51 3.50
CA PHE A 206 -12.22 12.61 2.37
C PHE A 206 -10.75 12.62 2.07
N PHE A 207 -10.20 13.80 1.69
CA PHE A 207 -8.78 13.92 1.38
C PHE A 207 -7.87 13.71 2.58
N GLY A 208 -8.36 14.02 3.79
CA GLY A 208 -7.60 13.79 5.01
C GLY A 208 -7.41 12.29 5.27
N VAL A 209 -8.48 11.52 5.11
CA VAL A 209 -8.45 10.07 5.36
C VAL A 209 -7.61 9.28 4.32
N LEU A 210 -7.68 9.70 3.04
CA LEU A 210 -6.93 9.05 1.94
C LEU A 210 -5.46 9.33 2.14
N GLY A 211 -4.73 8.27 2.47
CA GLY A 211 -3.31 8.38 2.79
C GLY A 211 -3.07 8.90 4.20
N GLY A 212 -4.14 9.06 4.99
CA GLY A 212 -4.12 9.63 6.34
C GLY A 212 -3.68 8.78 7.51
N LEU A 213 -3.19 7.54 7.26
CA LEU A 213 -2.65 6.68 8.31
C LEU A 213 -3.61 6.37 9.50
N GLY A 214 -4.91 6.27 9.20
CA GLY A 214 -5.98 6.00 10.18
C GLY A 214 -6.24 7.10 11.20
N GLN A 215 -5.60 8.27 11.01
CA GLN A 215 -5.63 9.36 11.98
C GLN A 215 -6.94 10.07 12.19
N PHE A 216 -7.81 10.11 11.16
CA PHE A 216 -9.04 10.93 11.23
C PHE A 216 -10.35 10.15 11.29
N GLY A 217 -10.25 8.84 11.14
CA GLY A 217 -11.43 8.00 11.19
C GLY A 217 -11.23 6.63 10.64
N ILE A 218 -12.23 5.77 10.85
CA ILE A 218 -12.23 4.39 10.34
C ILE A 218 -13.14 4.36 9.14
N ILE A 219 -12.60 3.89 8.01
CA ILE A 219 -13.39 3.76 6.79
C ILE A 219 -14.25 2.50 6.95
N THR A 220 -15.57 2.66 6.85
CA THR A 220 -16.54 1.57 6.95
C THR A 220 -17.10 1.30 5.55
N ARG A 221 -16.95 2.25 4.64
CA ARG A 221 -17.39 2.06 3.26
C ARG A 221 -16.47 2.79 2.31
N ALA A 222 -16.13 2.15 1.19
CA ALA A 222 -15.38 2.82 0.14
C ALA A 222 -16.07 2.51 -1.19
N ARG A 223 -16.29 3.55 -2.00
CA ARG A 223 -16.90 3.46 -3.33
C ARG A 223 -15.76 3.46 -4.36
N ILE A 224 -15.42 2.27 -4.83
CA ILE A 224 -14.24 1.97 -5.68
C ILE A 224 -14.56 2.13 -7.18
N ALA A 225 -13.65 2.74 -7.94
CA ALA A 225 -13.80 2.80 -9.39
C ALA A 225 -13.55 1.42 -9.98
N LEU A 226 -14.28 1.08 -11.05
CA LEU A 226 -14.10 -0.21 -11.73
C LEU A 226 -13.95 -0.05 -13.22
N GLU A 227 -13.38 -1.06 -13.86
CA GLU A 227 -13.26 -1.13 -15.32
C GLU A 227 -13.58 -2.57 -15.67
N ARG A 228 -13.83 -2.83 -16.97
CA ARG A 228 -14.04 -4.17 -17.50
C ARG A 228 -12.68 -4.85 -17.41
N ALA A 229 -12.63 -5.99 -16.74
CA ALA A 229 -11.39 -6.70 -16.54
C ALA A 229 -10.91 -7.39 -17.84
N PRO A 230 -9.59 -7.39 -18.13
CA PRO A 230 -9.12 -8.18 -19.27
C PRO A 230 -9.22 -9.66 -18.87
N LYS A 231 -9.09 -10.58 -19.82
CA LYS A 231 -9.12 -12.01 -19.50
C LYS A 231 -7.75 -12.56 -19.23
N ARG A 232 -6.75 -12.09 -20.01
CA ARG A 232 -5.42 -12.66 -19.92
C ARG A 232 -4.35 -11.59 -19.90
N VAL A 233 -3.17 -12.02 -19.49
CA VAL A 233 -2.00 -11.18 -19.32
C VAL A 233 -0.80 -11.86 -19.94
N ARG A 234 -0.05 -11.08 -20.72
CA ARG A 234 1.24 -11.49 -21.22
C ARG A 234 2.20 -10.82 -20.23
N TRP A 235 2.92 -11.63 -19.45
CA TRP A 235 3.82 -11.20 -18.37
C TRP A 235 5.28 -11.39 -18.82
N ILE A 236 6.05 -10.31 -18.83
CA ILE A 236 7.40 -10.29 -19.37
C ILE A 236 8.38 -9.78 -18.37
N ARG A 237 9.59 -10.40 -18.37
CA ARG A 237 10.71 -9.96 -17.58
C ARG A 237 11.90 -9.89 -18.52
N ALA A 238 12.77 -8.90 -18.33
CA ALA A 238 13.99 -8.76 -19.13
C ALA A 238 15.12 -8.23 -18.24
N LEU A 239 16.35 -8.63 -18.55
CA LEU A 239 17.53 -8.26 -17.77
C LEU A 239 18.32 -7.10 -18.33
N TYR A 240 18.93 -6.31 -17.44
CA TYR A 240 19.81 -5.15 -17.75
C TYR A 240 21.03 -5.24 -16.82
N SER A 241 22.17 -4.74 -17.30
CA SER A 241 23.39 -4.62 -16.52
C SER A 241 23.74 -3.11 -16.37
N ASN A 242 23.08 -2.25 -17.14
CA ASN A 242 23.33 -0.80 -17.10
C ASN A 242 22.13 -0.11 -16.48
N PHE A 243 22.32 0.50 -15.29
CA PHE A 243 21.28 1.20 -14.53
C PHE A 243 20.68 2.40 -15.29
N SER A 244 21.51 3.16 -16.03
CA SER A 244 21.01 4.31 -16.82
C SER A 244 20.03 3.83 -17.90
N GLU A 245 20.34 2.70 -18.58
CA GLU A 245 19.49 2.19 -19.65
C GLU A 245 18.24 1.58 -19.04
N PHE A 246 18.39 0.91 -17.87
CA PHE A 246 17.26 0.28 -17.19
C PHE A 246 16.24 1.35 -16.78
N THR A 247 16.70 2.40 -16.07
CA THR A 247 15.80 3.47 -15.60
C THR A 247 15.30 4.31 -16.76
N ALA A 248 16.12 4.49 -17.84
CA ALA A 248 15.65 5.26 -19.02
C ALA A 248 14.48 4.51 -19.67
N ASP A 249 14.56 3.17 -19.75
CA ASP A 249 13.47 2.36 -20.29
C ASP A 249 12.22 2.37 -19.41
N GLN A 250 12.37 2.30 -18.07
CA GLN A 250 11.22 2.35 -17.16
C GLN A 250 10.50 3.71 -17.31
N GLU A 251 11.29 4.80 -17.37
CA GLU A 251 10.79 6.17 -17.50
C GLU A 251 10.10 6.39 -18.82
N ARG A 252 10.62 5.78 -19.91
CA ARG A 252 9.94 5.90 -21.20
C ARG A 252 8.61 5.13 -21.17
N LEU A 253 8.59 3.91 -20.64
CA LEU A 253 7.38 3.08 -20.57
C LEU A 253 6.26 3.73 -19.74
N ILE A 254 6.61 4.40 -18.63
CA ILE A 254 5.59 5.05 -17.79
C ILE A 254 5.11 6.39 -18.41
N SER A 255 5.80 6.90 -19.45
CA SER A 255 5.37 8.15 -20.08
C SER A 255 4.37 7.87 -21.20
N LEU A 256 4.10 6.58 -21.52
CA LEU A 256 3.20 6.17 -22.61
C LEU A 256 1.75 6.06 -22.15
N GLY A 257 0.83 6.10 -23.11
CA GLY A 257 -0.61 5.96 -22.87
C GLY A 257 -1.36 7.25 -22.55
N SER A 258 -0.79 8.41 -22.94
CA SER A 258 -1.38 9.73 -22.74
C SER A 258 -2.58 9.96 -23.65
N GLY A 261 -3.06 5.17 -26.89
CA GLY A 261 -1.66 4.99 -27.28
C GLY A 261 -1.08 3.71 -26.72
N ARG A 262 -0.33 2.98 -27.57
CA ARG A 262 0.33 1.70 -27.27
C ARG A 262 1.26 1.78 -26.03
N ARG A 263 0.99 0.94 -25.01
CA ARG A 263 1.80 0.87 -23.78
C ARG A 263 1.69 -0.49 -23.08
N PHE A 264 2.58 -0.73 -22.10
CA PHE A 264 2.45 -1.86 -21.21
C PHE A 264 1.46 -1.43 -20.13
N ASP A 265 0.71 -2.38 -19.58
CA ASP A 265 -0.32 -2.13 -18.58
C ASP A 265 0.18 -2.14 -17.16
N TYR A 266 1.45 -2.49 -16.97
CA TYR A 266 2.02 -2.61 -15.62
C TYR A 266 3.49 -2.48 -15.87
N VAL A 267 4.18 -1.75 -15.00
CA VAL A 267 5.64 -1.59 -15.11
C VAL A 267 6.24 -1.71 -13.72
N GLU A 268 7.11 -2.71 -13.51
CA GLU A 268 7.84 -2.82 -12.28
C GLU A 268 9.28 -3.17 -12.63
N GLY A 269 10.06 -3.40 -11.60
CA GLY A 269 11.45 -3.76 -11.76
C GLY A 269 12.00 -4.23 -10.43
N PHE A 270 13.16 -4.85 -10.47
CA PHE A 270 13.80 -5.26 -9.23
C PHE A 270 15.28 -5.38 -9.41
N VAL A 271 16.02 -5.23 -8.32
CA VAL A 271 17.49 -5.34 -8.32
C VAL A 271 17.81 -6.83 -8.18
N VAL A 272 18.59 -7.38 -9.11
CA VAL A 272 18.91 -8.81 -9.11
C VAL A 272 20.22 -9.05 -8.37
N ALA A 273 20.22 -9.99 -7.42
CA ALA A 273 21.43 -10.39 -6.70
C ALA A 273 22.24 -11.31 -7.64
N ALA A 274 23.42 -10.84 -8.10
CA ALA A 274 24.35 -11.54 -9.01
C ALA A 274 24.68 -13.00 -8.62
N GLU A 275 24.56 -13.33 -7.33
CA GLU A 275 24.83 -14.64 -6.73
C GLU A 275 23.55 -15.45 -6.57
N SER A 302 29.56 -5.05 -10.47
CA SER A 302 28.54 -5.49 -11.42
C SER A 302 27.28 -5.94 -10.67
N VAL A 303 26.15 -5.32 -11.02
CA VAL A 303 24.81 -5.51 -10.44
C VAL A 303 23.84 -5.67 -11.61
N LEU A 304 22.78 -6.51 -11.47
CA LEU A 304 21.79 -6.64 -12.53
C LEU A 304 20.42 -6.10 -12.11
N TYR A 305 19.63 -5.71 -13.10
CA TYR A 305 18.30 -5.15 -12.87
C TYR A 305 17.34 -5.92 -13.74
N CYS A 306 16.12 -6.11 -13.25
CA CYS A 306 15.13 -6.82 -14.02
C CYS A 306 13.94 -5.95 -14.25
N LEU A 307 13.53 -5.81 -15.52
CA LEU A 307 12.35 -5.05 -15.87
C LEU A 307 11.19 -6.03 -15.91
N GLU A 308 10.05 -5.65 -15.34
CA GLU A 308 8.87 -6.50 -15.36
C GLU A 308 7.70 -5.71 -15.92
N VAL A 309 7.11 -6.21 -17.01
CA VAL A 309 6.00 -5.55 -17.68
C VAL A 309 4.92 -6.54 -18.04
N THR A 310 3.69 -6.04 -18.27
CA THR A 310 2.61 -6.92 -18.73
C THR A 310 1.86 -6.24 -19.85
N LYS A 311 1.13 -7.05 -20.61
CA LYS A 311 0.21 -6.60 -21.62
C LYS A 311 -1.09 -7.38 -21.40
N ASN A 312 -2.17 -6.68 -21.10
CA ASN A 312 -3.47 -7.27 -20.86
C ASN A 312 -4.19 -7.48 -22.17
N TYR A 313 -5.01 -8.53 -22.24
CA TYR A 313 -5.84 -8.77 -23.40
C TYR A 313 -7.10 -9.56 -23.05
N ASP A 314 -8.04 -9.60 -23.99
CA ASP A 314 -9.32 -10.31 -23.93
C ASP A 314 -9.52 -11.11 -25.25
N ASP A 315 -10.74 -11.63 -25.52
CA ASP A 315 -11.03 -12.40 -26.74
C ASP A 315 -10.84 -11.59 -28.04
N GLU A 316 -11.19 -10.30 -28.00
CA GLU A 316 -11.09 -9.35 -29.11
C GLU A 316 -9.66 -8.93 -29.42
N THR A 317 -8.87 -8.57 -28.39
CA THR A 317 -7.49 -8.10 -28.57
C THR A 317 -6.40 -9.18 -28.66
N ALA A 318 -6.76 -10.48 -28.51
CA ALA A 318 -5.81 -11.60 -28.58
C ALA A 318 -5.01 -11.69 -29.89
N GLY A 319 -5.61 -11.19 -30.98
CA GLY A 319 -5.01 -11.19 -32.32
C GLY A 319 -3.95 -10.12 -32.54
N SER A 320 -3.93 -9.07 -31.70
CA SER A 320 -2.96 -7.97 -31.78
C SER A 320 -1.90 -7.96 -30.65
N VAL A 321 -2.08 -8.80 -29.61
CA VAL A 321 -1.17 -8.87 -28.46
C VAL A 321 0.32 -9.12 -28.79
N ASP A 322 0.61 -10.13 -29.61
CA ASP A 322 1.98 -10.48 -30.01
C ASP A 322 2.73 -9.40 -30.78
N GLN A 323 2.02 -8.67 -31.67
CA GLN A 323 2.60 -7.57 -32.46
C GLN A 323 2.83 -6.35 -31.58
N ASP A 324 1.90 -6.07 -30.64
CA ASP A 324 1.99 -4.94 -29.71
C ASP A 324 3.19 -5.09 -28.77
N VAL A 325 3.38 -6.33 -28.24
CA VAL A 325 4.48 -6.67 -27.33
C VAL A 325 5.83 -6.55 -28.06
N ASP A 326 5.95 -7.16 -29.28
CA ASP A 326 7.16 -7.12 -30.11
C ASP A 326 7.61 -5.68 -30.44
N THR A 327 6.66 -4.82 -30.85
CA THR A 327 6.90 -3.40 -31.15
C THR A 327 7.41 -2.65 -29.93
N LEU A 328 6.76 -2.84 -28.76
CA LEU A 328 7.17 -2.22 -27.50
C LEU A 328 8.53 -2.74 -27.04
N LEU A 329 8.78 -4.07 -27.11
CA LEU A 329 10.09 -4.64 -26.71
C LEU A 329 11.24 -4.18 -27.63
N GLY A 330 10.97 -4.09 -28.94
CA GLY A 330 11.94 -3.69 -29.95
C GLY A 330 12.54 -2.30 -29.78
N GLU A 331 11.87 -1.46 -29.00
CA GLU A 331 12.26 -0.10 -28.64
C GLU A 331 13.07 -0.07 -27.31
N LEU A 332 13.16 -1.21 -26.59
CA LEU A 332 13.87 -1.27 -25.31
C LEU A 332 15.34 -1.64 -25.46
N ASN A 333 16.13 -1.43 -24.40
CA ASN A 333 17.58 -1.67 -24.41
C ASN A 333 18.03 -2.76 -23.44
N PHE A 334 17.17 -3.78 -23.21
CA PHE A 334 17.51 -4.90 -22.30
C PHE A 334 18.60 -5.75 -22.92
N LEU A 335 19.28 -6.56 -22.11
CA LEU A 335 20.31 -7.45 -22.66
C LEU A 335 19.67 -8.45 -23.64
N PRO A 336 20.18 -8.58 -24.88
CA PRO A 336 19.60 -9.53 -25.84
C PRO A 336 19.57 -10.98 -25.34
N GLY A 337 18.48 -11.69 -25.65
CA GLY A 337 18.29 -13.09 -25.27
C GLY A 337 17.89 -13.29 -23.81
N THR A 338 17.61 -12.20 -23.09
CA THR A 338 17.22 -12.28 -21.67
C THR A 338 15.71 -12.05 -21.43
N VAL A 339 14.89 -12.18 -22.47
CA VAL A 339 13.44 -11.95 -22.32
C VAL A 339 12.79 -13.23 -21.86
N PHE A 340 12.10 -13.19 -20.70
CA PHE A 340 11.37 -14.33 -20.15
C PHE A 340 9.89 -14.00 -20.23
N THR A 341 9.10 -14.85 -20.90
CA THR A 341 7.66 -14.59 -21.06
C THR A 341 6.79 -15.70 -20.48
N THR A 342 5.61 -15.31 -19.97
CA THR A 342 4.55 -16.16 -19.42
C THR A 342 3.22 -15.59 -19.92
N ASP A 343 2.26 -16.47 -20.21
CA ASP A 343 0.91 -16.11 -20.61
C ASP A 343 0.01 -16.76 -19.57
N LEU A 344 -0.86 -15.96 -18.93
CA LEU A 344 -1.73 -16.49 -17.87
C LEU A 344 -3.02 -15.70 -17.66
N PRO A 345 -4.08 -16.30 -17.05
CA PRO A 345 -5.31 -15.52 -16.80
C PRO A 345 -5.03 -14.32 -15.91
N TYR A 346 -5.85 -13.27 -16.05
CA TYR A 346 -5.74 -12.03 -15.30
C TYR A 346 -5.69 -12.27 -13.79
N VAL A 347 -6.66 -13.03 -13.23
CA VAL A 347 -6.72 -13.33 -11.78
C VAL A 347 -5.45 -14.00 -11.28
N ASP A 348 -4.92 -14.95 -12.08
CA ASP A 348 -3.69 -15.68 -11.73
C ASP A 348 -2.50 -14.75 -11.70
N PHE A 349 -2.47 -13.75 -12.60
CA PHE A 349 -1.40 -12.76 -12.53
C PHE A 349 -1.61 -11.91 -11.26
N LEU A 350 -2.84 -11.43 -11.00
CA LEU A 350 -3.08 -10.55 -9.84
C LEU A 350 -2.74 -11.20 -8.51
N ASP A 351 -2.92 -12.51 -8.45
CA ASP A 351 -2.71 -13.26 -7.23
C ASP A 351 -1.35 -13.95 -7.13
N ARG A 352 -0.41 -13.62 -8.04
CA ARG A 352 0.95 -14.22 -8.05
C ARG A 352 1.70 -14.18 -6.70
N VAL A 353 1.54 -13.12 -5.91
CA VAL A 353 2.28 -13.01 -4.64
C VAL A 353 1.76 -14.00 -3.58
N HIS A 354 0.45 -14.32 -3.65
CA HIS A 354 -0.16 -15.29 -2.74
C HIS A 354 0.40 -16.69 -2.96
N LYS A 355 0.72 -17.03 -4.22
CA LYS A 355 1.31 -18.34 -4.56
C LYS A 355 2.70 -18.46 -3.92
N ALA A 356 3.50 -17.37 -3.95
CA ALA A 356 4.82 -17.25 -3.34
C ALA A 356 4.68 -17.35 -1.81
N GLU A 357 3.63 -16.70 -1.23
CA GLU A 357 3.33 -16.80 0.20
C GLU A 357 3.15 -18.26 0.66
N LEU A 358 2.33 -19.03 -0.09
CA LEU A 358 2.06 -20.44 0.20
C LEU A 358 3.34 -21.27 0.22
N LYS A 359 4.26 -21.03 -0.74
CA LYS A 359 5.58 -21.68 -0.81
C LYS A 359 6.46 -21.29 0.40
N LEU A 360 6.36 -20.02 0.85
CA LEU A 360 7.13 -19.54 2.01
C LEU A 360 6.60 -20.12 3.33
N ARG A 361 5.26 -20.22 3.50
CA ARG A 361 4.60 -20.80 4.67
C ARG A 361 5.04 -22.26 4.87
N ALA A 362 5.07 -23.04 3.76
CA ALA A 362 5.47 -24.46 3.73
C ALA A 362 6.93 -24.65 4.16
N LYS A 363 7.79 -23.65 3.90
CA LYS A 363 9.21 -23.66 4.26
C LYS A 363 9.51 -22.92 5.60
N GLY A 364 8.46 -22.60 6.36
CA GLY A 364 8.53 -21.86 7.62
C GLY A 364 9.20 -20.50 7.51
N MET A 365 9.10 -19.84 6.32
CA MET A 365 9.73 -18.54 6.01
C MET A 365 8.73 -17.39 5.78
N TRP A 366 7.53 -17.49 6.38
CA TRP A 366 6.52 -16.44 6.26
C TRP A 366 6.39 -15.69 7.57
N GLU A 367 6.15 -16.43 8.67
CA GLU A 367 5.95 -15.88 10.01
C GLU A 367 7.31 -15.61 10.65
N VAL A 368 8.06 -14.66 10.05
CA VAL A 368 9.40 -14.24 10.47
C VAL A 368 9.37 -12.71 10.60
N PRO A 369 10.30 -12.06 11.30
CA PRO A 369 10.27 -10.58 11.33
C PRO A 369 10.48 -10.04 9.92
N HIS A 370 9.81 -8.96 9.58
CA HIS A 370 9.94 -8.32 8.26
C HIS A 370 10.34 -6.87 8.44
N PRO A 371 11.65 -6.57 8.58
CA PRO A 371 12.08 -5.17 8.76
C PRO A 371 12.12 -4.43 7.39
N TRP A 372 10.95 -4.24 6.79
CA TRP A 372 10.83 -3.58 5.49
C TRP A 372 11.18 -2.12 5.50
N LEU A 373 11.63 -1.62 4.35
CA LEU A 373 11.84 -0.20 4.16
C LEU A 373 11.33 0.10 2.76
N ASN A 374 10.36 1.03 2.67
CA ASN A 374 9.77 1.46 1.42
C ASN A 374 9.98 2.96 1.28
N LEU A 375 10.66 3.34 0.21
CA LEU A 375 11.01 4.72 0.00
C LEU A 375 10.57 5.22 -1.36
N PHE A 376 10.18 6.45 -1.40
CA PHE A 376 9.88 7.14 -2.63
C PHE A 376 11.09 8.02 -2.90
N VAL A 377 11.75 7.78 -4.02
CA VAL A 377 13.00 8.49 -4.34
C VAL A 377 12.78 9.33 -5.60
N PRO A 378 13.13 10.63 -5.58
CA PRO A 378 12.94 11.46 -6.78
C PRO A 378 13.79 10.93 -7.93
N ALA A 379 13.22 10.88 -9.15
CA ALA A 379 13.95 10.41 -10.35
C ALA A 379 15.28 11.12 -10.55
N SER A 380 15.34 12.44 -10.25
CA SER A 380 16.60 13.20 -10.42
C SER A 380 17.76 12.69 -9.55
N ARG A 381 17.45 11.91 -8.48
CA ARG A 381 18.50 11.40 -7.60
C ARG A 381 18.59 9.87 -7.60
N ILE A 382 17.85 9.19 -8.49
CA ILE A 382 17.83 7.72 -8.56
C ILE A 382 19.23 7.09 -8.90
N ALA A 383 20.03 7.76 -9.77
CA ALA A 383 21.40 7.31 -10.12
C ALA A 383 22.29 7.40 -8.89
N ASP A 384 22.21 8.50 -8.09
CA ASP A 384 22.97 8.65 -6.84
C ASP A 384 22.53 7.58 -5.84
N PHE A 385 21.23 7.25 -5.81
CA PHE A 385 20.67 6.23 -4.92
C PHE A 385 21.27 4.87 -5.28
N ASP A 386 21.23 4.51 -6.58
CA ASP A 386 21.81 3.25 -7.07
C ASP A 386 23.29 3.14 -6.70
N ARG A 387 24.06 4.25 -6.87
CA ARG A 387 25.48 4.31 -6.55
C ARG A 387 25.72 4.18 -5.06
N GLY A 388 25.00 4.99 -4.29
CA GLY A 388 25.15 5.04 -2.83
C GLY A 388 24.61 3.83 -2.10
N VAL A 389 23.48 3.29 -2.57
CA VAL A 389 22.82 2.19 -1.89
C VAL A 389 23.03 0.82 -2.51
N PHE A 390 22.69 0.64 -3.81
CA PHE A 390 22.77 -0.69 -4.41
C PHE A 390 24.20 -1.14 -4.63
N ARG A 391 25.10 -0.19 -4.92
CA ARG A 391 26.54 -0.44 -5.17
C ARG A 391 27.43 0.00 -4.00
N GLY A 392 26.86 0.77 -3.06
CA GLY A 392 27.56 1.27 -1.89
C GLY A 392 27.20 0.50 -0.63
N VAL A 393 26.11 0.92 0.06
CA VAL A 393 25.57 0.31 1.30
C VAL A 393 25.47 -1.22 1.17
N LEU A 394 25.00 -1.72 0.02
CA LEU A 394 24.87 -3.16 -0.26
C LEU A 394 26.11 -3.78 -0.94
N GLY A 395 27.01 -2.92 -1.47
CA GLY A 395 28.23 -3.33 -2.15
C GLY A 395 28.02 -4.27 -3.34
N GLY A 396 26.81 -4.24 -3.91
CA GLY A 396 26.41 -5.09 -5.03
C GLY A 396 25.98 -6.49 -4.64
N ARG A 397 25.82 -6.75 -3.33
CA ARG A 397 25.44 -8.07 -2.80
C ARG A 397 23.99 -8.07 -2.32
N ALA A 399 21.47 -10.33 -2.21
CA ALA A 399 21.23 -11.28 -1.13
C ALA A 399 21.40 -10.63 0.24
N GLY A 400 22.29 -9.64 0.32
CA GLY A 400 22.57 -8.86 1.53
C GLY A 400 21.38 -8.06 2.04
N ALA A 401 20.39 -7.84 1.15
CA ALA A 401 19.15 -7.13 1.45
C ALA A 401 18.16 -7.97 2.26
N GLY A 402 18.32 -9.30 2.26
CA GLY A 402 17.42 -10.21 2.96
C GLY A 402 16.08 -10.45 2.29
N GLY A 403 15.99 -10.14 1.00
CA GLY A 403 14.77 -10.37 0.23
C GLY A 403 14.69 -9.55 -1.03
N PRO A 404 13.55 -9.55 -1.76
CA PRO A 404 13.47 -8.71 -2.99
C PRO A 404 13.67 -7.22 -2.78
N VAL A 405 14.25 -6.57 -3.78
CA VAL A 405 14.43 -5.11 -3.77
C VAL A 405 13.73 -4.62 -5.03
N LEU A 406 12.48 -4.11 -4.88
CA LEU A 406 11.67 -3.61 -6.00
C LEU A 406 12.04 -2.18 -6.32
N ILE A 407 12.02 -1.85 -7.59
CA ILE A 407 12.35 -0.50 -8.04
C ILE A 407 11.57 -0.16 -9.31
N TYR A 408 10.76 0.89 -9.26
CA TYR A 408 10.03 1.33 -10.44
C TYR A 408 9.52 2.76 -10.29
N PRO A 409 9.42 3.49 -11.41
CA PRO A 409 8.95 4.90 -11.31
C PRO A 409 7.45 5.04 -11.46
N MET A 410 6.91 6.18 -10.98
CA MET A 410 5.48 6.53 -11.04
C MET A 410 5.36 7.98 -11.44
N ASN A 411 4.15 8.42 -11.80
CA ASN A 411 3.86 9.79 -12.24
C ASN A 411 3.08 10.48 -11.15
N LYS A 412 3.66 11.54 -10.54
CA LYS A 412 3.02 12.30 -9.47
C LYS A 412 1.66 12.90 -9.87
N HIS A 413 1.48 13.22 -11.17
CA HIS A 413 0.21 13.81 -11.62
C HIS A 413 -1.00 12.89 -11.49
N LYS A 414 -0.76 11.59 -11.23
CA LYS A 414 -1.84 10.61 -11.03
C LYS A 414 -2.26 10.58 -9.57
N TRP A 415 -1.53 11.32 -8.72
CA TRP A 415 -1.74 11.40 -7.28
C TRP A 415 -2.43 12.72 -7.02
N ASP A 416 -3.58 12.70 -6.35
CA ASP A 416 -4.27 13.94 -6.06
C ASP A 416 -3.44 14.74 -5.04
N PRO A 417 -3.08 16.01 -5.33
CA PRO A 417 -2.28 16.78 -4.37
C PRO A 417 -3.03 17.12 -3.06
N ARG A 418 -4.36 16.91 -3.03
CA ARG A 418 -5.14 17.23 -1.82
C ARG A 418 -5.14 16.09 -0.78
N SER A 419 -4.73 14.86 -1.14
CA SER A 419 -4.74 13.76 -0.15
C SER A 419 -3.67 13.95 0.91
N SER A 420 -3.73 13.13 1.99
CA SER A 420 -2.70 13.17 3.06
C SER A 420 -1.39 12.44 2.66
N ALA A 421 -1.36 11.71 1.52
CA ALA A 421 -0.15 10.97 1.09
C ALA A 421 1.02 11.88 0.83
N VAL A 422 2.19 11.49 1.30
CA VAL A 422 3.41 12.25 1.13
C VAL A 422 4.29 11.64 0.04
N THR A 423 4.56 12.40 -1.02
CA THR A 423 5.44 11.91 -2.09
C THR A 423 6.60 12.92 -2.21
N PRO A 424 7.74 12.58 -2.85
CA PRO A 424 8.79 13.58 -3.06
C PRO A 424 8.26 14.75 -3.89
N ASP A 425 8.94 15.89 -3.78
CA ASP A 425 8.59 17.13 -4.46
C ASP A 425 9.14 17.12 -5.90
N GLU A 426 8.70 16.14 -6.73
CA GLU A 426 9.16 15.96 -8.11
C GLU A 426 8.16 15.11 -8.89
N GLU A 427 7.96 15.41 -10.20
CA GLU A 427 6.95 14.76 -11.06
C GLU A 427 7.13 13.24 -11.22
N VAL A 428 8.38 12.82 -11.38
CA VAL A 428 8.66 11.39 -11.50
C VAL A 428 9.47 11.00 -10.28
N PHE A 429 9.01 9.97 -9.58
CA PHE A 429 9.71 9.43 -8.43
C PHE A 429 9.61 7.90 -8.46
N TYR A 430 10.53 7.23 -7.79
CA TYR A 430 10.56 5.77 -7.75
C TYR A 430 10.08 5.24 -6.46
N LEU A 431 9.47 4.08 -6.50
CA LEU A 431 9.32 3.35 -5.28
C LEU A 431 10.54 2.42 -5.23
N VAL A 432 11.25 2.39 -4.10
CA VAL A 432 12.34 1.46 -3.85
C VAL A 432 11.88 0.68 -2.61
N ALA A 433 11.61 -0.63 -2.78
CA ALA A 433 11.03 -1.41 -1.69
C ALA A 433 11.98 -2.51 -1.29
N PHE A 434 12.47 -2.46 -0.05
CA PHE A 434 13.39 -3.46 0.51
C PHE A 434 12.51 -4.40 1.28
N LEU A 435 12.10 -5.50 0.63
CA LEU A 435 11.13 -6.45 1.21
C LEU A 435 11.85 -7.57 1.91
N ARG A 436 12.53 -7.19 2.99
CA ARG A 436 13.42 -8.03 3.81
C ARG A 436 12.72 -9.00 4.71
N SER A 437 13.32 -10.18 4.88
CA SER A 437 12.86 -11.18 5.85
C SER A 437 14.08 -11.47 6.73
N ALA A 438 13.93 -11.43 8.06
CA ALA A 438 15.02 -11.79 8.95
C ALA A 438 14.93 -13.31 9.10
N LEU A 439 16.08 -13.98 9.37
CA LEU A 439 16.09 -15.42 9.59
C LEU A 439 15.38 -15.68 10.91
N PRO A 440 14.47 -16.70 11.01
CA PRO A 440 13.81 -16.95 12.31
C PRO A 440 14.81 -17.53 13.34
N GLY A 441 14.61 -17.16 14.60
CA GLY A 441 15.46 -17.58 15.71
C GLY A 441 16.85 -16.94 15.69
N ALA A 442 17.11 -15.98 14.75
CA ALA A 442 18.44 -15.33 14.61
C ALA A 442 18.35 -13.83 14.94
N PRO A 443 18.52 -13.39 16.21
CA PRO A 443 18.36 -11.94 16.50
C PRO A 443 19.36 -11.04 15.74
N GLU A 444 20.57 -11.57 15.43
CA GLU A 444 21.60 -10.84 14.67
C GLU A 444 21.14 -10.53 13.25
N SER A 445 20.21 -11.36 12.70
CA SER A 445 19.71 -11.13 11.35
C SER A 445 18.81 -9.87 11.33
N LEU A 446 17.91 -9.74 12.31
CA LEU A 446 17.03 -8.57 12.39
C LEU A 446 17.87 -7.30 12.72
N GLU A 447 18.85 -7.41 13.62
CA GLU A 447 19.74 -6.30 13.96
C GLU A 447 20.46 -5.77 12.72
N ALA A 448 21.04 -6.68 11.89
CA ALA A 448 21.77 -6.31 10.65
C ALA A 448 20.87 -5.64 9.61
N LEU A 449 19.66 -6.16 9.40
CA LEU A 449 18.74 -5.56 8.43
C LEU A 449 18.21 -4.20 8.91
N ALA A 450 17.96 -4.07 10.23
CA ALA A 450 17.50 -2.79 10.81
C ALA A 450 18.62 -1.74 10.67
N ARG A 451 19.88 -2.15 10.89
CA ARG A 451 21.04 -1.29 10.74
C ARG A 451 21.20 -0.90 9.26
N GLN A 452 21.02 -1.85 8.31
CA GLN A 452 21.08 -1.53 6.87
C GLN A 452 19.97 -0.48 6.47
N ASN A 453 18.77 -0.57 7.05
CA ASN A 453 17.69 0.42 6.83
C ASN A 453 18.10 1.80 7.34
N GLN A 454 18.70 1.85 8.56
CA GLN A 454 19.21 3.12 9.12
C GLN A 454 20.29 3.74 8.23
N ARG A 455 21.23 2.92 7.69
CA ARG A 455 22.28 3.44 6.79
C ARG A 455 21.68 4.08 5.55
N ILE A 456 20.67 3.42 4.93
CA ILE A 456 19.99 3.92 3.72
C ILE A 456 19.35 5.29 4.01
N LEU A 457 18.59 5.41 5.13
CA LEU A 457 17.96 6.67 5.55
C LEU A 457 19.03 7.73 5.81
N ASP A 458 20.15 7.35 6.50
CA ASP A 458 21.27 8.27 6.77
C ASP A 458 21.95 8.75 5.48
N PHE A 459 22.12 7.84 4.50
CA PHE A 459 22.70 8.18 3.20
C PHE A 459 21.77 9.21 2.48
N CYS A 460 20.45 8.99 2.53
CA CYS A 460 19.49 9.89 1.88
C CYS A 460 19.50 11.27 2.52
N ALA A 461 19.42 11.35 3.86
CA ALA A 461 19.47 12.60 4.62
C ALA A 461 20.82 13.32 4.44
N GLY A 462 21.92 12.58 4.52
CA GLY A 462 23.27 13.10 4.35
C GLY A 462 23.59 13.69 2.99
N THR A 463 22.99 13.14 1.91
CA THR A 463 23.24 13.64 0.54
C THR A 463 22.09 14.48 -0.01
N GLY A 464 21.18 14.86 0.86
CA GLY A 464 20.00 15.65 0.53
C GLY A 464 19.09 15.04 -0.52
N ILE A 465 18.96 13.70 -0.52
CA ILE A 465 18.06 13.03 -1.46
C ILE A 465 16.72 13.23 -0.77
N GLY A 466 15.83 13.93 -1.44
CA GLY A 466 14.51 14.24 -0.91
C GLY A 466 13.58 13.04 -0.86
N ALA A 467 14.09 11.88 -0.36
CA ALA A 467 13.25 10.67 -0.29
C ALA A 467 12.21 10.80 0.81
N LYS A 468 11.10 10.08 0.63
CA LYS A 468 10.01 10.06 1.60
C LYS A 468 9.68 8.61 1.86
N GLN A 469 9.49 8.23 3.13
CA GLN A 469 9.10 6.85 3.43
C GLN A 469 7.66 6.63 3.06
N TYR A 470 7.37 5.48 2.44
CA TYR A 470 6.01 5.02 2.19
C TYR A 470 5.80 4.06 3.38
N LEU A 471 4.58 4.03 3.97
CA LEU A 471 4.23 3.25 5.18
C LEU A 471 5.21 3.72 6.31
N PRO A 472 5.30 5.04 6.55
CA PRO A 472 6.32 5.54 7.47
C PRO A 472 6.22 4.98 8.87
N GLY A 473 7.40 4.73 9.43
CA GLY A 473 7.59 4.22 10.78
C GLY A 473 8.43 5.16 11.62
N HIS A 474 8.28 6.49 11.40
CA HIS A 474 8.99 7.56 12.11
C HIS A 474 8.95 7.54 13.63
N LYS A 475 7.76 7.74 14.24
CA LYS A 475 7.53 7.85 15.70
C LYS A 475 8.51 8.81 16.44
N ALA A 476 8.54 10.10 16.01
CA ALA A 476 9.33 11.22 16.55
C ALA A 476 8.84 12.52 15.91
N ARG A 477 8.27 13.44 16.74
CA ARG A 477 7.66 14.71 16.34
C ARG A 477 8.35 15.51 15.24
N HIS A 478 9.65 15.85 15.41
CA HIS A 478 10.41 16.61 14.41
C HIS A 478 10.58 15.82 13.11
N GLU A 479 10.66 14.47 13.21
CA GLU A 479 10.76 13.58 12.06
C GLU A 479 9.46 13.51 11.27
N TRP A 480 8.29 13.60 11.97
CA TRP A 480 7.00 13.65 11.29
C TRP A 480 6.85 14.99 10.56
N ALA A 481 7.30 16.09 11.20
CA ALA A 481 7.28 17.45 10.66
C ALA A 481 8.17 17.55 9.43
N GLU A 482 9.34 16.88 9.47
CA GLU A 482 10.29 16.79 8.36
C GLU A 482 9.64 15.96 7.22
N HIS A 483 9.01 14.81 7.56
CA HIS A 483 8.29 13.93 6.62
C HIS A 483 7.21 14.73 5.87
N PHE A 484 6.35 15.40 6.62
CA PHE A 484 5.27 16.17 5.99
C PHE A 484 5.70 17.48 5.36
N GLY A 485 6.60 18.22 6.02
CA GLY A 485 6.97 19.57 5.63
C GLY A 485 5.98 20.50 6.33
N ALA A 486 6.33 21.78 6.53
CA ALA A 486 5.52 22.78 7.25
C ALA A 486 4.04 22.88 6.87
N ALA A 487 3.73 23.13 5.58
CA ALA A 487 2.38 23.31 5.09
C ALA A 487 1.50 22.05 5.31
N ARG A 488 2.00 20.86 4.95
CA ARG A 488 1.25 19.61 5.11
C ARG A 488 1.09 19.19 6.58
N TRP A 489 2.10 19.49 7.43
CA TRP A 489 2.05 19.16 8.84
C TRP A 489 0.98 19.99 9.55
N ASP A 490 0.92 21.31 9.25
CA ASP A 490 -0.10 22.19 9.81
C ASP A 490 -1.49 21.71 9.46
N ARG A 491 -1.71 21.29 8.20
CA ARG A 491 -3.00 20.77 7.73
C ARG A 491 -3.30 19.43 8.45
N PHE A 492 -2.29 18.55 8.60
CA PHE A 492 -2.45 17.24 9.26
C PHE A 492 -2.89 17.40 10.71
N ALA A 493 -2.20 18.30 11.47
CA ALA A 493 -2.50 18.62 12.87
C ALA A 493 -3.91 19.24 13.03
N ARG A 494 -4.29 20.14 12.10
CA ARG A 494 -5.61 20.79 12.08
C ARG A 494 -6.73 19.79 11.82
N LEU A 495 -6.49 18.78 10.95
CA LEU A 495 -7.44 17.72 10.65
C LEU A 495 -7.62 16.84 11.89
N LYS A 496 -6.51 16.58 12.61
CA LYS A 496 -6.47 15.81 13.86
C LYS A 496 -7.31 16.50 14.95
N ALA A 497 -7.11 17.81 15.18
CA ALA A 497 -7.90 18.60 16.16
C ALA A 497 -9.40 18.56 15.84
N GLU A 498 -9.74 18.55 14.54
CA GLU A 498 -11.11 18.53 14.02
C GLU A 498 -11.79 17.15 14.14
N PHE A 499 -11.10 16.08 13.69
CA PHE A 499 -11.67 14.73 13.60
C PHE A 499 -11.33 13.72 14.69
N ASP A 500 -10.17 13.86 15.34
CA ASP A 500 -9.80 12.97 16.44
C ASP A 500 -9.05 13.82 17.50
N PRO A 501 -9.74 14.82 18.13
CA PRO A 501 -9.04 15.69 19.10
C PRO A 501 -8.41 14.98 20.29
N ARG A 502 -8.97 13.83 20.67
CA ARG A 502 -8.45 13.05 21.80
C ARG A 502 -7.35 12.05 21.38
N ALA A 503 -6.99 12.00 20.06
CA ALA A 503 -5.98 11.06 19.50
C ALA A 503 -6.24 9.59 19.89
N ILE A 504 -7.51 9.19 19.87
CA ILE A 504 -8.03 7.84 20.15
C ILE A 504 -7.57 6.85 19.08
N LEU A 505 -7.60 7.31 17.81
CA LEU A 505 -7.38 6.49 16.65
C LEU A 505 -5.98 6.28 16.18
N ALA A 506 -5.72 5.02 15.79
CA ALA A 506 -4.48 4.58 15.16
C ALA A 506 -3.25 5.11 15.86
N ALA A 507 -3.25 5.02 17.22
CA ALA A 507 -2.16 5.48 18.09
C ALA A 507 -0.87 4.77 17.79
N GLY A 508 -0.95 3.57 17.23
CA GLY A 508 0.24 2.80 16.86
C GLY A 508 1.07 3.46 15.78
N GLN A 509 0.50 4.45 15.07
CA GLN A 509 1.26 5.19 14.06
C GLN A 509 2.30 6.07 14.76
N GLY A 510 2.01 6.45 16.02
CA GLY A 510 2.88 7.22 16.89
C GLY A 510 3.10 8.65 16.46
N ILE A 511 2.04 9.31 15.98
CA ILE A 511 2.11 10.69 15.50
C ILE A 511 1.65 11.64 16.59
N PHE A 512 0.45 11.42 17.14
CA PHE A 512 -0.11 12.28 18.18
C PHE A 512 -0.14 11.56 19.51
N ARG A 513 -0.10 12.35 20.63
CA ARG A 513 -0.12 11.81 21.99
C ARG A 513 -1.49 11.21 22.34
N PRO A 514 -1.57 9.85 22.42
CA PRO A 514 -2.86 9.19 22.68
C PRO A 514 -3.24 9.04 24.16
N PRO A 515 -4.46 8.53 24.50
CA PRO A 515 -4.80 8.35 25.93
C PRO A 515 -4.30 7.02 26.51
#